data_3BO1
#
_entry.id   3BO1
#
loop_
_entity.id
_entity.type
_entity.pdbx_description
1 polymer '23S RIBOSOMAL RNA'
2 polymer '23S RIBOSOMAL RNA'
3 polymer '23S RIBOSOMAL RNA'
4 polymer '23S RIBOSOMAL RNA'
5 polymer 'PREPROTEIN TRANSLOCASE SecY SUBUNIT'
6 polymer 'PREPROTEIN TRANSLOCASE SecE SUBUNIT'
7 polymer 'Preprotein translocase secG subunit'
#
loop_
_entity_poly.entity_id
_entity_poly.type
_entity_poly.pdbx_seq_one_letter_code
_entity_poly.pdbx_strand_id
1 'polyribonucleotide' CGGUAAGGUGAUAUGAACCGUUAUAAC D
2 'polyribonucleotide' AAAGAACCCCGGCGAGGGGAGUGAAAA E
3 'polyribonucleotide' ACAGGUUAAUAUUCCUGUA F
4 'polyribonucleotide' CGUGAUGACGAGGCACUACGGUGCUGAAGCAA G
5 'polypeptide(L)'
;KKLIPILEKIPEVELPVKEITFKEKLKWTGIVLVLYFIMGCIDVYTAGAQIPAIFEFWQTITASRIGTLITLGIGPIVTA
GIIMQLLVGSGIIQMDLSIPENRALFQGCQKLLSIIMCFVEAVLFVGAGAFGILTPLLAFLVIIQIAFGSIILIYLDEIV
SKYGIGSGIGLFIAAGVSQTIFVGALGPEGYLWKFLNSLIQGVPNIEYIAPIIGTIIVFLMVVYAECMRRRIVVNYAKRQ
QGRRVYAAQSTHLPLKVVYVSNIPVILAAALFANIQLWGLALYRMGIPILGHYEGGRAVDGIAYYLSTPYGLSSVISDPI
HAIVYMIAMIITCVMFGIFWVETTGLDPKSMAKRIKKSGAFVPGIRPGEQTAKYIEHRLKRYIPPLTVMSSAFVGFLATI
ANFIGALGGGTGVLLTVSIVYRMYEQLLREKVSELHPAIAKL
;
A
6 'polypeptide(L)' TKGKATVAFAREARTEVRKVIWPTRKPTKDEYLAVAKVTALGISLLGIIGYIIHVPATYIKGILK B
7 'polypeptide(L)' ETFSKIRVKPEHVIGVTVAFVIIEAILTYGRF C
#
# COMPACT_ATOMS: atom_id res chain seq x y z
N LYS E 1 15.83 -28.32 -7.80
CA LYS E 1 15.20 -28.02 -9.12
C LYS E 1 13.97 -27.09 -8.93
N LYS E 2 13.68 -26.28 -9.94
CA LYS E 2 12.54 -25.36 -9.89
C LYS E 2 12.02 -24.92 -11.25
N LEU E 3 10.90 -24.20 -11.24
CA LEU E 3 10.24 -23.69 -12.45
C LEU E 3 11.12 -22.68 -13.16
N ILE E 4 12.43 -22.85 -12.99
CA ILE E 4 13.43 -21.95 -13.57
C ILE E 4 13.31 -21.67 -15.07
N PRO E 5 12.88 -22.66 -15.88
CA PRO E 5 12.76 -22.40 -17.32
C PRO E 5 11.86 -21.21 -17.70
N ILE E 6 10.56 -21.35 -17.49
CA ILE E 6 9.64 -20.26 -17.81
C ILE E 6 9.99 -19.06 -16.93
N LEU E 7 10.48 -19.34 -15.73
CA LEU E 7 10.85 -18.27 -14.81
C LEU E 7 11.92 -17.36 -15.46
N GLU E 8 12.83 -17.98 -16.19
CA GLU E 8 13.90 -17.24 -16.86
C GLU E 8 13.35 -16.58 -18.12
N LYS E 9 12.16 -16.99 -18.53
CA LYS E 9 11.52 -16.43 -19.71
C LYS E 9 10.80 -15.13 -19.32
N ILE E 10 10.41 -15.01 -18.06
CA ILE E 10 9.69 -13.82 -17.57
C ILE E 10 10.62 -12.62 -17.51
N PRO E 11 10.44 -11.66 -18.43
CA PRO E 11 11.28 -10.45 -18.48
C PRO E 11 11.47 -9.78 -17.12
N GLU E 12 12.45 -8.88 -17.06
CA GLU E 12 12.77 -8.12 -15.84
C GLU E 12 13.16 -6.71 -16.26
N VAL E 13 13.74 -5.95 -15.34
CA VAL E 13 14.12 -4.59 -15.66
C VAL E 13 15.63 -4.35 -15.56
N GLU E 14 16.18 -3.74 -16.60
CA GLU E 14 17.60 -3.44 -16.67
C GLU E 14 17.99 -2.36 -15.65
N LEU E 15 18.70 -2.78 -14.61
CA LEU E 15 19.14 -1.87 -13.56
C LEU E 15 20.53 -1.30 -13.84
N PRO E 16 20.60 0.00 -14.19
CA PRO E 16 21.89 0.63 -14.49
C PRO E 16 22.69 0.95 -13.21
N VAL E 17 23.98 0.65 -13.25
CA VAL E 17 24.88 0.91 -12.12
C VAL E 17 25.42 2.33 -12.32
N LYS E 18 24.84 3.03 -13.29
CA LYS E 18 25.22 4.40 -13.62
C LYS E 18 24.69 5.40 -12.60
N GLU E 19 24.84 6.68 -12.91
CA GLU E 19 24.39 7.75 -12.04
C GLU E 19 22.91 8.05 -12.25
N ILE E 20 22.09 7.73 -11.25
CA ILE E 20 20.66 7.99 -11.29
C ILE E 20 20.39 9.15 -10.32
N THR E 21 20.46 10.36 -10.85
CA THR E 21 20.25 11.54 -10.05
C THR E 21 18.90 11.64 -9.39
N PHE E 22 18.90 12.22 -8.19
CA PHE E 22 17.68 12.45 -7.42
C PHE E 22 16.65 12.99 -8.39
N LYS E 23 17.02 14.06 -9.10
CA LYS E 23 16.16 14.71 -10.08
C LYS E 23 15.57 13.70 -11.06
N GLU E 24 16.34 12.68 -11.40
CA GLU E 24 15.87 11.67 -12.34
C GLU E 24 14.98 10.64 -11.66
N LYS E 25 15.34 10.20 -10.46
CA LYS E 25 14.50 9.23 -9.75
C LYS E 25 13.11 9.86 -9.59
N LEU E 26 13.10 11.15 -9.31
CA LEU E 26 11.89 11.93 -9.13
C LEU E 26 11.10 11.96 -10.43
N LYS E 27 11.69 12.59 -11.45
CA LYS E 27 11.06 12.70 -12.76
C LYS E 27 10.56 11.34 -13.27
N TRP E 28 11.29 10.28 -12.96
CA TRP E 28 10.89 8.94 -13.38
C TRP E 28 9.56 8.64 -12.70
N THR E 29 9.60 8.53 -11.38
CA THR E 29 8.42 8.25 -10.58
C THR E 29 7.21 8.94 -11.21
N GLY E 30 7.30 10.27 -11.33
CA GLY E 30 6.21 11.04 -11.91
C GLY E 30 5.64 10.52 -13.21
N ILE E 31 6.49 10.04 -14.11
CA ILE E 31 6.00 9.53 -15.36
C ILE E 31 5.15 8.30 -15.08
N VAL E 32 5.57 7.49 -14.11
CA VAL E 32 4.78 6.30 -13.80
C VAL E 32 3.43 6.77 -13.27
N LEU E 33 3.47 7.64 -12.26
CA LEU E 33 2.27 8.19 -11.67
C LEU E 33 1.22 8.56 -12.72
N VAL E 34 1.63 9.37 -13.69
CA VAL E 34 0.68 9.78 -14.71
C VAL E 34 0.16 8.64 -15.58
N LEU E 35 1.02 7.82 -16.15
CA LEU E 35 0.50 6.74 -16.96
C LEU E 35 -0.56 6.00 -16.16
N TYR E 36 -0.43 6.03 -14.85
CA TYR E 36 -1.40 5.37 -13.99
C TYR E 36 -2.72 6.15 -14.09
N PHE E 37 -2.73 7.35 -13.51
CA PHE E 37 -3.94 8.19 -13.54
C PHE E 37 -4.57 8.10 -14.92
N ILE E 38 -3.75 8.25 -15.95
CA ILE E 38 -4.26 8.19 -17.31
C ILE E 38 -5.02 6.88 -17.55
N MET E 39 -4.39 5.74 -17.29
CA MET E 39 -5.05 4.44 -17.50
C MET E 39 -6.37 4.36 -16.75
N GLY E 40 -6.48 5.16 -15.68
CA GLY E 40 -7.69 5.19 -14.87
C GLY E 40 -8.75 6.06 -15.48
N CYS E 41 -8.40 6.70 -16.59
CA CYS E 41 -9.33 7.57 -17.30
C CYS E 41 -9.92 6.79 -18.48
N ILE E 42 -9.14 5.88 -19.04
CA ILE E 42 -9.58 5.09 -20.19
C ILE E 42 -10.45 3.87 -19.85
N ASP E 43 -11.64 3.82 -20.45
CA ASP E 43 -12.57 2.72 -20.25
C ASP E 43 -12.09 1.54 -21.06
N VAL E 44 -12.56 0.35 -20.71
CA VAL E 44 -12.19 -0.84 -21.45
C VAL E 44 -13.08 -0.92 -22.68
N TYR E 45 -12.49 -1.32 -23.81
CA TYR E 45 -13.22 -1.44 -25.07
C TYR E 45 -14.33 -2.47 -24.90
N THR E 46 -15.56 -1.99 -24.82
CA THR E 46 -16.71 -2.86 -24.64
C THR E 46 -18.01 -2.17 -25.01
N ALA E 47 -18.66 -2.69 -26.04
CA ALA E 47 -19.92 -2.14 -26.54
C ALA E 47 -20.99 -1.98 -25.45
N GLY E 48 -21.03 -2.93 -24.52
CA GLY E 48 -22.01 -2.85 -23.45
C GLY E 48 -21.70 -1.70 -22.51
N ALA E 49 -22.03 -0.49 -22.95
CA ALA E 49 -21.80 0.72 -22.16
C ALA E 49 -22.50 0.64 -20.81
N GLN E 50 -23.26 -0.42 -20.60
CA GLN E 50 -24.01 -0.62 -19.37
C GLN E 50 -23.28 -1.60 -18.43
N ILE E 51 -22.87 -1.10 -17.27
CA ILE E 51 -22.16 -1.91 -16.27
C ILE E 51 -22.94 -1.86 -14.94
N PRO E 52 -23.13 -3.03 -14.28
CA PRO E 52 -23.83 -3.20 -13.00
C PRO E 52 -23.22 -2.50 -11.79
N ALA E 53 -23.44 -1.20 -11.66
CA ALA E 53 -22.91 -0.42 -10.54
C ALA E 53 -21.41 -0.67 -10.42
N ILE E 54 -20.93 -0.91 -9.21
CA ILE E 54 -19.51 -1.19 -8.99
C ILE E 54 -19.33 -1.95 -7.70
N PHE E 55 -18.13 -2.47 -7.50
CA PHE E 55 -17.80 -3.22 -6.29
C PHE E 55 -17.15 -2.27 -5.28
N GLU E 56 -17.99 -1.59 -4.50
CA GLU E 56 -17.51 -0.65 -3.49
C GLU E 56 -16.87 -1.41 -2.35
N PHE E 57 -15.71 -2.00 -2.63
CA PHE E 57 -14.96 -2.76 -1.62
C PHE E 57 -13.57 -3.21 -2.07
N TRP E 58 -13.45 -3.48 -3.37
CA TRP E 58 -12.21 -3.96 -3.98
C TRP E 58 -11.30 -2.84 -4.46
N GLN E 59 -11.89 -1.79 -5.02
CA GLN E 59 -11.11 -0.67 -5.53
C GLN E 59 -9.98 -0.12 -4.68
N THR E 60 -10.29 0.21 -3.43
CA THR E 60 -9.34 0.80 -2.50
C THR E 60 -8.04 0.05 -2.28
N ILE E 61 -8.12 -1.15 -1.73
CA ILE E 61 -6.90 -1.92 -1.48
C ILE E 61 -6.20 -2.35 -2.75
N THR E 62 -6.98 -2.44 -3.84
CA THR E 62 -6.48 -2.84 -5.14
C THR E 62 -5.91 -1.69 -5.95
N ALA E 63 -6.24 -0.46 -5.57
CA ALA E 63 -5.77 0.73 -6.28
C ALA E 63 -6.27 0.68 -7.70
N SER E 64 -7.31 -0.11 -7.92
CA SER E 64 -7.88 -0.25 -9.26
C SER E 64 -8.87 0.84 -9.63
N ARG E 65 -9.96 0.45 -10.29
CA ARG E 65 -11.00 1.36 -10.73
C ARG E 65 -11.73 0.54 -11.79
N ILE E 66 -12.81 -0.13 -11.36
CA ILE E 66 -13.57 -1.00 -12.25
C ILE E 66 -14.15 -0.30 -13.47
N GLY E 67 -13.96 -0.92 -14.63
CA GLY E 67 -14.45 -0.38 -15.90
C GLY E 67 -13.36 0.26 -16.73
N THR E 68 -12.18 0.44 -16.12
CA THR E 68 -11.04 1.07 -16.79
C THR E 68 -9.93 0.08 -17.09
N LEU E 69 -8.96 0.57 -17.86
CA LEU E 69 -7.81 -0.22 -18.27
C LEU E 69 -7.03 -0.76 -17.07
N ILE E 70 -7.49 -0.44 -15.88
CA ILE E 70 -6.83 -0.90 -14.67
C ILE E 70 -7.84 -1.46 -13.67
N THR E 71 -8.98 -1.88 -14.21
CA THR E 71 -10.09 -2.46 -13.45
C THR E 71 -9.67 -3.56 -12.48
N LEU E 72 -8.47 -4.09 -12.66
CA LEU E 72 -8.00 -5.15 -11.79
C LEU E 72 -6.95 -4.61 -10.82
N GLY E 73 -6.29 -3.54 -11.24
CA GLY E 73 -5.27 -2.89 -10.43
C GLY E 73 -4.26 -3.79 -9.75
N ILE E 74 -3.71 -3.28 -8.65
CA ILE E 74 -2.72 -3.98 -7.85
C ILE E 74 -3.28 -5.29 -7.31
N GLY E 75 -4.59 -5.47 -7.41
CA GLY E 75 -5.27 -6.67 -6.93
C GLY E 75 -4.54 -8.01 -7.09
N PRO E 76 -4.09 -8.35 -8.30
CA PRO E 76 -3.38 -9.61 -8.50
C PRO E 76 -2.15 -9.65 -7.63
N ILE E 77 -1.20 -8.76 -7.93
CA ILE E 77 0.07 -8.63 -7.21
C ILE E 77 -0.12 -8.87 -5.73
N VAL E 78 -1.17 -8.29 -5.18
CA VAL E 78 -1.44 -8.45 -3.78
C VAL E 78 -1.88 -9.88 -3.56
N THR E 79 -2.86 -10.34 -4.33
CA THR E 79 -3.33 -11.71 -4.17
C THR E 79 -2.09 -12.62 -4.10
N ALA E 80 -1.33 -12.64 -5.19
CA ALA E 80 -0.11 -13.44 -5.26
C ALA E 80 0.67 -13.39 -3.95
N GLY E 81 1.16 -12.21 -3.62
CA GLY E 81 1.92 -12.06 -2.39
C GLY E 81 1.21 -12.73 -1.24
N ILE E 82 -0.13 -12.70 -1.25
CA ILE E 82 -0.91 -13.28 -0.17
C ILE E 82 -0.69 -14.77 -0.04
N ILE E 83 -0.72 -15.47 -1.17
CA ILE E 83 -0.51 -16.91 -1.18
C ILE E 83 0.89 -17.23 -0.65
N MET E 84 1.90 -16.66 -1.30
CA MET E 84 3.27 -16.89 -0.89
C MET E 84 3.38 -16.84 0.62
N GLN E 85 3.04 -15.69 1.20
CA GLN E 85 3.09 -15.51 2.65
C GLN E 85 2.32 -16.64 3.34
N LEU E 86 1.31 -17.17 2.65
CA LEU E 86 0.48 -18.25 3.18
C LEU E 86 1.27 -19.55 3.19
N LEU E 87 1.85 -19.89 2.05
CA LEU E 87 2.64 -21.11 1.95
C LEU E 87 3.92 -20.92 2.77
N VAL E 88 4.88 -20.22 2.19
CA VAL E 88 6.15 -19.91 2.81
C VAL E 88 5.96 -19.38 4.24
N GLY E 89 4.70 -19.27 4.66
CA GLY E 89 4.41 -18.77 5.99
C GLY E 89 4.05 -19.85 7.00
N SER E 90 3.04 -20.66 6.67
CA SER E 90 2.62 -21.73 7.57
C SER E 90 3.57 -22.94 7.44
N GLY E 91 4.81 -22.65 7.08
CA GLY E 91 5.82 -23.69 6.93
C GLY E 91 5.54 -24.68 5.82
N ILE E 92 4.29 -24.77 5.39
CA ILE E 92 3.88 -25.68 4.32
C ILE E 92 4.99 -25.90 3.31
N ILE E 93 5.79 -24.88 3.08
CA ILE E 93 6.88 -24.99 2.13
C ILE E 93 8.10 -24.27 2.68
N GLN E 94 8.45 -24.65 3.91
CA GLN E 94 9.59 -24.08 4.64
C GLN E 94 10.73 -23.68 3.72
N MET E 95 11.21 -22.45 3.88
CA MET E 95 12.31 -21.92 3.06
C MET E 95 13.15 -20.95 3.90
N ASP E 96 14.47 -21.13 3.86
CA ASP E 96 15.37 -20.25 4.58
C ASP E 96 16.03 -19.36 3.53
N LEU E 97 15.35 -18.27 3.20
CA LEU E 97 15.78 -17.32 2.20
C LEU E 97 17.26 -16.94 2.22
N SER E 98 17.80 -16.68 3.40
CA SER E 98 19.20 -16.30 3.57
C SER E 98 19.98 -16.30 2.26
N ILE E 99 20.17 -17.50 1.70
CA ILE E 99 20.90 -17.65 0.44
C ILE E 99 20.20 -16.92 -0.69
N PRO E 100 20.98 -16.28 -1.58
CA PRO E 100 20.38 -15.56 -2.70
C PRO E 100 19.44 -16.48 -3.49
N GLU E 101 19.48 -17.78 -3.19
CA GLU E 101 18.61 -18.75 -3.86
C GLU E 101 17.19 -18.51 -3.36
N ASN E 102 16.89 -19.07 -2.19
CA ASN E 102 15.58 -18.94 -1.58
C ASN E 102 15.03 -17.52 -1.73
N ARG E 103 15.88 -16.52 -1.50
CA ARG E 103 15.44 -15.14 -1.63
C ARG E 103 14.89 -14.94 -3.03
N ALA E 104 15.73 -15.14 -4.05
CA ALA E 104 15.33 -14.97 -5.45
C ALA E 104 14.34 -16.03 -5.94
N LEU E 105 14.15 -17.07 -5.13
CA LEU E 105 13.21 -18.14 -5.45
C LEU E 105 11.84 -17.66 -5.02
N PHE E 106 11.75 -17.31 -3.74
CA PHE E 106 10.51 -16.79 -3.17
C PHE E 106 10.00 -15.68 -4.07
N GLN E 107 10.91 -14.78 -4.43
CA GLN E 107 10.55 -13.67 -5.30
C GLN E 107 10.17 -14.16 -6.70
N GLY E 108 11.15 -14.34 -7.58
CA GLY E 108 10.85 -14.79 -8.94
C GLY E 108 9.55 -15.57 -9.04
N CYS E 109 9.42 -16.57 -8.18
CA CYS E 109 8.24 -17.42 -8.12
C CYS E 109 6.98 -16.57 -7.98
N GLN E 110 6.88 -15.85 -6.88
CA GLN E 110 5.74 -14.99 -6.61
C GLN E 110 5.42 -14.12 -7.83
N LYS E 111 6.45 -13.52 -8.42
CA LYS E 111 6.26 -12.66 -9.59
C LYS E 111 5.42 -13.40 -10.63
N LEU E 112 5.88 -14.59 -11.00
CA LEU E 112 5.17 -15.41 -11.98
C LEU E 112 3.70 -15.48 -11.56
N LEU E 113 3.46 -16.12 -10.43
CA LEU E 113 2.10 -16.29 -9.90
C LEU E 113 1.30 -15.01 -10.06
N SER E 114 1.97 -13.88 -9.91
CA SER E 114 1.29 -12.61 -10.05
C SER E 114 0.67 -12.54 -11.45
N ILE E 115 1.41 -13.00 -12.47
CA ILE E 115 0.85 -12.97 -13.83
C ILE E 115 -0.28 -14.01 -13.95
N ILE E 116 -0.14 -15.10 -13.20
CA ILE E 116 -1.16 -16.14 -13.19
C ILE E 116 -2.41 -15.49 -12.60
N MET E 117 -2.28 -14.96 -11.39
CA MET E 117 -3.38 -14.31 -10.70
C MET E 117 -3.86 -13.11 -11.50
N CYS E 118 -3.01 -12.62 -12.41
CA CYS E 118 -3.35 -11.49 -13.26
C CYS E 118 -4.53 -11.89 -14.13
N PHE E 119 -4.39 -13.01 -14.84
CA PHE E 119 -5.49 -13.48 -15.68
C PHE E 119 -6.66 -14.03 -14.86
N VAL E 120 -6.37 -14.92 -13.92
CA VAL E 120 -7.39 -15.49 -13.05
C VAL E 120 -8.37 -14.42 -12.59
N GLU E 121 -7.85 -13.39 -11.94
CA GLU E 121 -8.70 -12.30 -11.44
C GLU E 121 -9.52 -11.75 -12.61
N ALA E 122 -8.85 -11.49 -13.73
CA ALA E 122 -9.52 -10.95 -14.91
C ALA E 122 -10.79 -11.73 -15.20
N VAL E 123 -10.59 -13.02 -15.47
CA VAL E 123 -11.68 -13.94 -15.75
C VAL E 123 -12.68 -13.94 -14.60
N LEU E 124 -12.16 -14.07 -13.40
CA LEU E 124 -12.99 -14.09 -12.22
C LEU E 124 -13.84 -12.83 -12.17
N PHE E 125 -13.25 -11.71 -12.57
CA PHE E 125 -13.98 -10.46 -12.53
C PHE E 125 -15.19 -10.52 -13.44
N VAL E 126 -14.93 -10.71 -14.72
CA VAL E 126 -16.03 -10.79 -15.68
C VAL E 126 -16.97 -11.91 -15.27
N GLY E 127 -16.38 -13.02 -14.81
CA GLY E 127 -17.16 -14.17 -14.39
C GLY E 127 -18.00 -13.88 -13.15
N ALA E 128 -17.69 -12.78 -12.49
CA ALA E 128 -18.42 -12.37 -11.30
C ALA E 128 -19.50 -11.41 -11.75
N GLY E 129 -19.55 -11.19 -13.06
CA GLY E 129 -20.55 -10.28 -13.60
C GLY E 129 -20.25 -8.85 -13.26
N ALA E 130 -19.02 -8.44 -13.58
CA ALA E 130 -18.57 -7.09 -13.31
C ALA E 130 -18.96 -6.16 -14.44
N PHE E 131 -19.43 -6.73 -15.54
CA PHE E 131 -19.80 -5.91 -16.68
C PHE E 131 -21.21 -6.12 -17.22
N GLY E 132 -21.80 -7.29 -16.98
CA GLY E 132 -23.16 -7.55 -17.42
C GLY E 132 -23.38 -8.40 -18.67
N ILE E 133 -22.70 -8.08 -19.76
CA ILE E 133 -22.84 -8.83 -21.01
C ILE E 133 -21.74 -9.89 -21.16
N LEU E 134 -22.09 -11.14 -20.93
CA LEU E 134 -21.13 -12.24 -21.02
C LEU E 134 -20.99 -12.79 -22.45
N THR E 135 -20.93 -11.92 -23.45
CA THR E 135 -20.76 -12.34 -24.84
C THR E 135 -19.44 -13.09 -24.92
N PRO E 136 -19.47 -14.44 -24.81
CA PRO E 136 -18.24 -15.23 -24.88
C PRO E 136 -17.13 -14.60 -25.72
N LEU E 137 -17.53 -13.99 -26.84
CA LEU E 137 -16.57 -13.33 -27.70
C LEU E 137 -16.09 -12.05 -27.04
N LEU E 138 -17.02 -11.15 -26.78
CA LEU E 138 -16.71 -9.89 -26.15
C LEU E 138 -16.06 -10.10 -24.78
N ALA E 139 -16.59 -11.06 -24.02
CA ALA E 139 -16.06 -11.39 -22.70
C ALA E 139 -14.56 -11.66 -22.80
N PHE E 140 -14.20 -12.57 -23.71
CA PHE E 140 -12.81 -12.90 -23.93
C PHE E 140 -12.00 -11.62 -24.15
N LEU E 141 -12.40 -10.83 -25.15
CA LEU E 141 -11.71 -9.59 -25.48
C LEU E 141 -11.39 -8.75 -24.24
N VAL E 142 -12.43 -8.48 -23.46
CA VAL E 142 -12.30 -7.70 -22.23
C VAL E 142 -11.19 -8.28 -21.36
N ILE E 143 -11.41 -9.48 -20.82
CA ILE E 143 -10.39 -10.14 -19.98
C ILE E 143 -8.99 -9.81 -20.47
N ILE E 144 -8.78 -9.94 -21.78
CA ILE E 144 -7.48 -9.65 -22.38
C ILE E 144 -6.99 -8.34 -21.83
N GLN E 145 -7.58 -7.26 -22.34
CA GLN E 145 -7.23 -5.91 -21.92
C GLN E 145 -7.01 -5.81 -20.41
N ILE E 146 -8.05 -6.15 -19.66
CA ILE E 146 -8.02 -6.12 -18.20
C ILE E 146 -6.69 -6.60 -17.61
N ALA E 147 -6.47 -7.90 -17.60
CA ALA E 147 -5.25 -8.45 -17.03
C ALA E 147 -3.99 -7.85 -17.64
N PHE E 148 -4.04 -7.48 -18.92
CA PHE E 148 -2.87 -6.89 -19.57
C PHE E 148 -2.55 -5.51 -19.01
N GLY E 149 -3.59 -4.78 -18.60
CA GLY E 149 -3.36 -3.48 -18.01
C GLY E 149 -2.65 -3.67 -16.69
N SER E 150 -3.17 -4.60 -15.88
CA SER E 150 -2.56 -4.91 -14.59
C SER E 150 -1.10 -5.31 -14.79
N ILE E 151 -0.82 -6.00 -15.90
CA ILE E 151 0.54 -6.40 -16.24
C ILE E 151 1.41 -5.15 -16.29
N ILE E 152 1.00 -4.19 -17.12
CA ILE E 152 1.74 -2.94 -17.24
C ILE E 152 2.13 -2.39 -15.87
N LEU E 153 1.20 -2.46 -14.92
CA LEU E 153 1.50 -1.97 -13.57
C LEU E 153 2.63 -2.78 -12.98
N ILE E 154 2.53 -4.10 -13.08
CA ILE E 154 3.56 -4.99 -12.55
C ILE E 154 4.94 -4.55 -13.04
N TYR E 155 4.98 -4.11 -14.30
CA TYR E 155 6.24 -3.65 -14.85
C TYR E 155 6.50 -2.20 -14.51
N LEU E 156 5.44 -1.42 -14.34
CA LEU E 156 5.61 -0.02 -13.95
C LEU E 156 6.11 0.00 -12.51
N ASP E 157 5.68 -0.98 -11.73
CA ASP E 157 6.13 -1.08 -10.35
C ASP E 157 7.62 -1.30 -10.44
N GLU E 158 8.01 -2.32 -11.20
CA GLU E 158 9.42 -2.64 -11.37
C GLU E 158 10.21 -1.37 -11.70
N ILE E 159 9.73 -0.61 -12.67
CA ILE E 159 10.40 0.63 -13.06
C ILE E 159 10.63 1.52 -11.86
N VAL E 160 9.55 2.01 -11.25
CA VAL E 160 9.66 2.87 -10.09
C VAL E 160 10.67 2.26 -9.12
N SER E 161 10.45 0.98 -8.83
CA SER E 161 11.27 0.19 -7.91
C SER E 161 12.78 0.23 -8.18
N LYS E 162 13.15 0.57 -9.41
CA LYS E 162 14.56 0.59 -9.78
C LYS E 162 14.95 1.82 -10.60
N TYR E 163 14.09 2.82 -10.65
CA TYR E 163 14.38 4.02 -11.43
C TYR E 163 13.89 5.30 -10.80
N GLY E 164 13.13 5.17 -9.72
CA GLY E 164 12.60 6.37 -9.08
C GLY E 164 12.65 6.36 -7.57
N ILE E 165 11.53 6.74 -6.96
CA ILE E 165 11.45 6.79 -5.52
C ILE E 165 10.32 5.92 -4.99
N GLY E 166 10.29 5.75 -3.67
CA GLY E 166 9.25 4.95 -3.04
C GLY E 166 8.96 3.61 -3.69
N SER E 167 7.69 3.25 -3.76
CA SER E 167 7.26 1.99 -4.36
C SER E 167 6.05 2.15 -5.25
N GLY E 168 5.98 1.33 -6.28
CA GLY E 168 4.85 1.38 -7.18
C GLY E 168 3.58 1.17 -6.38
N ILE E 169 3.42 -0.06 -5.91
CA ILE E 169 2.24 -0.40 -5.10
C ILE E 169 1.97 0.77 -4.17
N GLY E 170 2.79 0.90 -3.14
CA GLY E 170 2.65 1.98 -2.18
C GLY E 170 2.17 3.25 -2.85
N LEU E 171 2.93 3.68 -3.86
CA LEU E 171 2.54 4.85 -4.60
C LEU E 171 1.12 4.62 -5.01
N PHE E 172 0.95 3.85 -6.08
CA PHE E 172 -0.35 3.51 -6.64
C PHE E 172 -1.51 3.60 -5.67
N ILE E 173 -1.40 2.91 -4.55
CA ILE E 173 -2.48 2.98 -3.60
C ILE E 173 -2.72 4.42 -3.17
N ALA E 174 -1.68 5.08 -2.70
CA ALA E 174 -1.80 6.47 -2.29
C ALA E 174 -2.31 7.29 -3.48
N ALA E 175 -1.84 6.93 -4.67
CA ALA E 175 -2.26 7.64 -5.87
C ALA E 175 -3.78 7.65 -5.94
N GLY E 176 -4.35 6.45 -5.91
CA GLY E 176 -5.79 6.29 -5.97
C GLY E 176 -6.59 6.98 -4.88
N VAL E 177 -6.33 6.63 -3.64
CA VAL E 177 -7.02 7.24 -2.53
C VAL E 177 -7.01 8.77 -2.61
N SER E 178 -5.83 9.36 -2.70
CA SER E 178 -5.71 10.80 -2.80
C SER E 178 -6.71 11.33 -3.82
N GLN E 179 -6.60 10.83 -5.06
CA GLN E 179 -7.50 11.23 -6.13
C GLN E 179 -8.96 11.03 -5.69
N THR E 180 -9.30 9.79 -5.35
CA THR E 180 -10.65 9.45 -4.89
C THR E 180 -11.15 10.52 -3.94
N ILE E 181 -10.25 11.13 -3.18
CA ILE E 181 -10.65 12.17 -2.26
C ILE E 181 -10.87 13.49 -3.00
N PHE E 182 -9.79 14.03 -3.57
CA PHE E 182 -9.88 15.28 -4.27
C PHE E 182 -10.96 15.37 -5.31
N VAL E 183 -11.31 14.24 -5.88
CA VAL E 183 -12.35 14.23 -6.87
C VAL E 183 -13.72 14.11 -6.21
N GLY E 184 -13.83 13.13 -5.32
CA GLY E 184 -15.09 12.89 -4.64
C GLY E 184 -15.62 14.10 -3.92
N ALA E 185 -14.70 14.84 -3.32
CA ALA E 185 -15.09 16.02 -2.58
C ALA E 185 -15.24 17.25 -3.44
N LEU E 186 -14.32 17.43 -4.38
CA LEU E 186 -14.32 18.63 -5.19
C LEU E 186 -14.55 18.52 -6.69
N GLY E 187 -14.40 17.32 -7.24
CA GLY E 187 -14.57 17.14 -8.67
C GLY E 187 -15.90 17.55 -9.28
N PRO E 188 -16.29 16.96 -10.42
CA PRO E 188 -17.55 17.26 -11.09
C PRO E 188 -18.74 17.04 -10.15
N GLU E 189 -19.16 15.78 -9.99
CA GLU E 189 -20.27 15.47 -9.09
C GLU E 189 -19.76 15.57 -7.66
N GLY E 190 -18.78 16.43 -7.47
CA GLY E 190 -18.18 16.62 -6.15
C GLY E 190 -19.15 16.83 -5.02
N TYR E 191 -18.77 16.30 -3.86
CA TYR E 191 -19.58 16.41 -2.66
C TYR E 191 -19.58 17.79 -2.04
N LEU E 192 -18.41 18.41 -1.94
CA LEU E 192 -18.37 19.71 -1.30
C LEU E 192 -19.42 20.62 -1.88
N TRP E 193 -19.60 20.51 -3.19
CA TRP E 193 -20.57 21.30 -3.92
C TRP E 193 -21.99 20.80 -3.59
N LYS E 194 -22.24 19.54 -3.92
CA LYS E 194 -23.55 18.95 -3.66
C LYS E 194 -24.02 19.44 -2.30
N PHE E 195 -23.09 19.66 -1.38
CA PHE E 195 -23.45 20.15 -0.07
C PHE E 195 -23.67 21.63 -0.15
N LEU E 196 -22.66 22.33 -0.66
CA LEU E 196 -22.70 23.77 -0.82
C LEU E 196 -23.93 24.20 -1.58
N ASN E 197 -24.20 23.50 -2.67
CA ASN E 197 -25.37 23.80 -3.47
C ASN E 197 -26.60 23.54 -2.63
N SER E 198 -26.62 22.40 -1.94
CA SER E 198 -27.78 22.07 -1.10
C SER E 198 -28.08 23.17 -0.08
N LEU E 199 -27.05 23.93 0.28
CA LEU E 199 -27.22 25.02 1.23
C LEU E 199 -27.92 26.15 0.52
N ILE E 200 -27.42 26.48 -0.67
CA ILE E 200 -28.02 27.53 -1.48
C ILE E 200 -29.48 27.20 -1.79
N GLN E 201 -29.72 25.98 -2.28
CA GLN E 201 -31.07 25.50 -2.61
C GLN E 201 -31.99 25.73 -1.43
N GLY E 202 -31.42 25.77 -0.23
CA GLY E 202 -32.21 26.02 0.96
C GLY E 202 -32.66 24.78 1.68
N VAL E 203 -32.06 23.65 1.37
CA VAL E 203 -32.44 22.41 2.01
C VAL E 203 -31.23 21.66 2.55
N PRO E 204 -30.38 22.35 3.34
CA PRO E 204 -29.15 21.85 3.96
C PRO E 204 -29.13 20.36 4.15
N ASN E 205 -28.40 19.64 3.29
CA ASN E 205 -28.32 18.19 3.41
C ASN E 205 -27.07 17.74 4.14
N ILE E 206 -27.24 17.23 5.36
CA ILE E 206 -26.12 16.80 6.17
C ILE E 206 -25.46 15.54 5.59
N GLU E 207 -26.09 14.93 4.60
CA GLU E 207 -25.57 13.73 4.00
C GLU E 207 -24.58 14.01 2.88
N TYR E 208 -24.47 15.27 2.47
CA TYR E 208 -23.56 15.59 1.39
C TYR E 208 -22.19 16.03 1.91
N ILE E 209 -22.18 16.57 3.11
CA ILE E 209 -20.96 17.04 3.73
C ILE E 209 -20.43 15.95 4.63
N ALA E 210 -21.34 15.10 5.09
CA ALA E 210 -20.98 14.03 6.00
C ALA E 210 -19.70 13.33 5.62
N PRO E 211 -19.72 12.50 4.57
CA PRO E 211 -18.53 11.75 4.10
C PRO E 211 -17.22 12.52 4.07
N ILE E 212 -17.33 13.81 3.81
CA ILE E 212 -16.17 14.67 3.76
C ILE E 212 -15.60 14.78 5.18
N ILE E 213 -16.49 14.89 6.17
CA ILE E 213 -16.07 14.96 7.57
C ILE E 213 -15.42 13.63 7.87
N GLY E 214 -16.17 12.56 7.64
CA GLY E 214 -15.64 11.23 7.89
C GLY E 214 -14.17 11.17 7.54
N THR E 215 -13.81 11.72 6.39
CA THR E 215 -12.41 11.68 5.97
C THR E 215 -11.49 12.54 6.85
N ILE E 216 -11.92 13.72 7.25
CA ILE E 216 -11.03 14.51 8.08
C ILE E 216 -10.77 13.74 9.36
N ILE E 217 -11.85 13.37 10.05
CA ILE E 217 -11.74 12.62 11.28
C ILE E 217 -10.76 11.46 11.13
N VAL E 218 -11.00 10.61 10.14
CA VAL E 218 -10.13 9.47 9.89
C VAL E 218 -8.67 9.90 9.77
N PHE E 219 -8.43 10.93 8.96
CA PHE E 219 -7.09 11.44 8.76
C PHE E 219 -6.43 11.83 10.09
N LEU E 220 -7.14 12.63 10.87
CA LEU E 220 -6.64 13.07 12.17
C LEU E 220 -6.34 11.89 13.07
N MET E 221 -7.21 10.88 13.04
CA MET E 221 -7.04 9.69 13.86
C MET E 221 -5.86 8.86 13.37
N VAL E 222 -5.92 8.44 12.11
CA VAL E 222 -4.84 7.63 11.52
C VAL E 222 -3.50 8.35 11.61
N VAL E 223 -3.55 9.68 11.66
CA VAL E 223 -2.34 10.48 11.75
C VAL E 223 -1.80 10.51 13.17
N TYR E 224 -2.70 10.65 14.14
CA TYR E 224 -2.32 10.70 15.54
C TYR E 224 -1.22 9.69 15.85
N ALA E 225 -1.18 8.62 15.08
CA ALA E 225 -0.17 7.57 15.27
C ALA E 225 1.21 8.06 14.84
N GLU E 226 1.27 8.76 13.71
CA GLU E 226 2.52 9.28 13.19
C GLU E 226 2.91 10.58 13.88
N CYS E 227 2.67 10.65 15.18
CA CYS E 227 2.98 11.84 15.96
C CYS E 227 4.05 11.55 17.02
N MET E 228 3.73 10.64 17.93
CA MET E 228 4.67 10.26 18.99
C MET E 228 6.08 10.05 18.43
N ARG E 229 7.00 9.70 19.32
CA ARG E 229 8.38 9.45 18.93
C ARG E 229 9.34 9.78 20.06
N ARG E 230 10.27 8.87 20.33
CA ARG E 230 11.25 9.06 21.39
C ARG E 230 12.15 10.26 21.11
N ARG E 231 13.36 10.23 21.66
CA ARG E 231 14.31 11.33 21.47
C ARG E 231 15.15 11.56 22.72
N ILE E 232 16.26 10.85 22.84
CA ILE E 232 16.68 9.86 21.83
C ILE E 232 18.18 9.63 21.89
N VAL E 233 18.59 8.41 21.57
CA VAL E 233 20.01 8.04 21.58
C VAL E 233 20.51 7.98 23.03
N VAL E 234 21.74 8.41 23.29
CA VAL E 234 22.61 8.96 22.25
C VAL E 234 24.00 8.36 22.33
N ASN E 235 24.92 8.91 21.54
CA ASN E 235 26.30 8.42 21.52
C ASN E 235 27.30 9.51 21.89
N TYR E 236 28.58 9.26 21.61
CA TYR E 236 29.63 10.22 21.92
C TYR E 236 31.00 9.70 21.48
N ALA E 237 32.00 10.57 21.51
CA ALA E 237 33.35 10.20 21.11
C ALA E 237 34.03 11.34 20.35
N LYS E 238 35.34 11.49 20.58
CA LYS E 238 36.11 12.53 19.92
C LYS E 238 37.54 12.07 19.63
N ARG E 239 38.50 12.96 19.83
CA ARG E 239 39.89 12.65 19.59
C ARG E 239 40.22 12.71 18.10
N GLN E 240 39.42 13.47 17.36
CA GLN E 240 39.62 13.62 15.92
C GLN E 240 41.09 13.82 15.58
N GLN E 241 41.47 13.45 14.36
CA GLN E 241 42.84 13.58 13.91
C GLN E 241 43.07 12.80 12.60
N GLY E 242 42.16 11.89 12.31
CA GLY E 242 42.26 11.08 11.10
C GLY E 242 42.80 11.87 9.92
N ARG E 243 43.22 13.10 10.19
CA ARG E 243 43.76 13.97 9.14
C ARG E 243 42.77 15.06 8.76
N ARG E 244 41.70 15.18 9.54
CA ARG E 244 40.68 16.18 9.28
C ARG E 244 39.58 16.13 10.34
N VAL E 245 39.70 16.96 11.36
CA VAL E 245 38.72 17.02 12.44
C VAL E 245 38.51 15.64 13.06
N TYR E 246 37.24 15.25 13.17
CA TYR E 246 36.89 13.94 13.74
C TYR E 246 36.41 14.09 15.18
N ALA E 247 35.94 15.28 15.52
CA ALA E 247 35.44 15.55 16.86
C ALA E 247 34.61 14.39 17.39
N ALA E 248 33.66 13.93 16.57
CA ALA E 248 32.80 12.82 16.94
C ALA E 248 31.81 13.23 18.04
N GLN E 249 30.56 12.80 17.89
CA GLN E 249 29.53 13.13 18.87
C GLN E 249 28.58 11.95 19.07
N SER E 250 27.84 11.61 18.01
CA SER E 250 26.90 10.50 18.07
C SER E 250 25.54 10.90 17.50
N THR E 251 25.01 10.08 16.59
CA THR E 251 23.73 10.35 15.97
C THR E 251 22.62 10.52 17.01
N HIS E 252 21.40 10.75 16.53
CA HIS E 252 20.25 10.91 17.41
C HIS E 252 19.03 10.17 16.88
N LEU E 253 17.86 10.79 17.02
CA LEU E 253 16.62 10.18 16.55
C LEU E 253 15.43 11.13 16.73
N PRO E 254 14.25 10.56 16.90
CA PRO E 254 14.08 9.11 16.92
C PRO E 254 13.79 8.56 15.52
N LEU E 255 12.53 8.23 15.27
CA LEU E 255 12.13 7.70 13.97
C LEU E 255 10.64 7.90 13.72
N LYS E 256 9.83 7.59 14.74
CA LYS E 256 8.38 7.73 14.63
C LYS E 256 7.66 6.52 15.25
N VAL E 257 6.56 6.12 14.63
CA VAL E 257 5.79 4.99 15.12
C VAL E 257 4.72 4.58 14.11
N VAL E 258 4.73 3.29 13.74
CA VAL E 258 3.77 2.75 12.78
C VAL E 258 4.43 2.49 11.44
N TYR E 259 3.70 1.85 10.52
CA TYR E 259 4.21 1.55 9.20
C TYR E 259 4.45 0.06 9.02
N VAL E 260 5.33 -0.49 9.85
CA VAL E 260 5.65 -1.91 9.79
C VAL E 260 4.45 -2.73 9.31
N SER E 261 3.44 -2.83 10.15
CA SER E 261 2.23 -3.59 9.81
C SER E 261 1.61 -3.06 8.52
N ASN E 262 2.40 -2.33 7.74
CA ASN E 262 1.92 -1.77 6.48
C ASN E 262 1.59 -2.84 5.45
N ILE E 263 2.62 -3.50 4.94
CA ILE E 263 2.44 -4.56 3.95
C ILE E 263 1.52 -5.65 4.47
N PRO E 264 1.64 -5.95 5.77
CA PRO E 264 0.80 -6.97 6.40
C PRO E 264 -0.70 -6.71 6.25
N VAL E 265 -1.16 -5.58 6.79
CA VAL E 265 -2.57 -5.20 6.73
C VAL E 265 -3.03 -5.04 5.28
N ILE E 266 -2.12 -4.65 4.41
CA ILE E 266 -2.47 -4.51 3.01
C ILE E 266 -2.91 -5.86 2.51
N LEU E 267 -2.36 -6.91 3.10
CA LEU E 267 -2.68 -8.28 2.72
C LEU E 267 -3.95 -8.76 3.39
N ALA E 268 -4.16 -8.38 4.64
CA ALA E 268 -5.38 -8.79 5.34
C ALA E 268 -6.60 -8.27 4.57
N ALA E 269 -6.63 -6.95 4.39
CA ALA E 269 -7.72 -6.30 3.68
C ALA E 269 -7.86 -6.91 2.30
N ALA E 270 -6.72 -7.18 1.66
CA ALA E 270 -6.73 -7.78 0.33
C ALA E 270 -7.30 -9.20 0.36
N LEU E 271 -7.12 -9.90 1.47
CA LEU E 271 -7.65 -11.25 1.55
C LEU E 271 -9.17 -11.08 1.40
N PHE E 272 -9.76 -10.31 2.31
CA PHE E 272 -11.19 -10.06 2.25
C PHE E 272 -11.57 -9.63 0.85
N ALA E 273 -10.69 -8.92 0.16
CA ALA E 273 -10.99 -8.46 -1.18
C ALA E 273 -11.23 -9.64 -2.10
N ASN E 274 -10.39 -10.67 -1.96
CA ASN E 274 -10.53 -11.85 -2.80
C ASN E 274 -11.61 -12.82 -2.33
N ILE E 275 -12.24 -12.52 -1.21
CA ILE E 275 -13.31 -13.37 -0.73
C ILE E 275 -14.61 -12.81 -1.31
N GLN E 276 -14.92 -11.55 -1.06
CA GLN E 276 -16.14 -10.96 -1.61
C GLN E 276 -16.14 -11.12 -3.12
N LEU E 277 -14.96 -11.12 -3.73
CA LEU E 277 -14.91 -11.30 -5.17
C LEU E 277 -15.12 -12.78 -5.47
N TRP E 278 -14.33 -13.64 -4.83
CA TRP E 278 -14.42 -15.10 -5.03
C TRP E 278 -15.75 -15.73 -4.64
N GLY E 279 -16.50 -15.08 -3.76
CA GLY E 279 -17.79 -15.61 -3.34
C GLY E 279 -18.85 -15.28 -4.36
N LEU E 280 -18.92 -14.01 -4.75
CA LEU E 280 -19.90 -13.57 -5.73
C LEU E 280 -19.56 -14.32 -7.00
N ALA E 281 -18.29 -14.33 -7.34
CA ALA E 281 -17.83 -15.05 -8.53
C ALA E 281 -18.40 -16.47 -8.44
N LEU E 282 -17.98 -17.20 -7.41
CA LEU E 282 -18.49 -18.56 -7.23
C LEU E 282 -19.86 -18.50 -6.58
N TYR E 283 -20.74 -17.72 -7.19
CA TYR E 283 -22.12 -17.57 -6.76
C TYR E 283 -22.92 -17.59 -8.04
N ARG E 284 -22.78 -16.54 -8.84
CA ARG E 284 -23.48 -16.46 -10.12
C ARG E 284 -22.74 -17.29 -11.16
N MET E 285 -22.06 -18.34 -10.69
CA MET E 285 -21.31 -19.26 -11.54
C MET E 285 -21.12 -20.58 -10.79
N GLY E 286 -22.13 -20.98 -10.04
CA GLY E 286 -22.03 -22.23 -9.31
C GLY E 286 -22.91 -22.36 -8.09
N ILE E 287 -22.35 -22.92 -7.03
CA ILE E 287 -23.06 -23.14 -5.77
C ILE E 287 -22.66 -22.09 -4.73
N PRO E 288 -23.59 -21.69 -3.85
CA PRO E 288 -23.37 -20.70 -2.78
C PRO E 288 -22.42 -21.18 -1.67
N ILE E 289 -21.20 -21.55 -2.06
CA ILE E 289 -20.20 -22.02 -1.09
C ILE E 289 -19.95 -21.01 0.01
N LEU E 290 -19.61 -19.79 -0.38
CA LEU E 290 -19.29 -18.70 0.54
C LEU E 290 -20.49 -17.90 1.05
N GLY E 291 -21.36 -17.48 0.14
CA GLY E 291 -22.51 -16.71 0.58
C GLY E 291 -23.51 -16.32 -0.49
N HIS E 292 -24.70 -15.94 -0.05
CA HIS E 292 -25.77 -15.52 -0.95
C HIS E 292 -25.68 -14.01 -1.12
N TYR E 293 -25.18 -13.58 -2.27
CA TYR E 293 -25.03 -12.15 -2.51
C TYR E 293 -26.34 -11.45 -2.81
N GLU E 294 -26.70 -11.36 -4.08
CA GLU E 294 -27.96 -10.72 -4.45
C GLU E 294 -27.89 -9.22 -4.15
N GLY E 295 -28.18 -8.40 -5.16
CA GLY E 295 -28.15 -6.97 -4.98
C GLY E 295 -26.78 -6.44 -5.29
N GLY E 296 -25.92 -7.33 -5.79
CA GLY E 296 -24.55 -6.96 -6.12
C GLY E 296 -23.61 -7.64 -5.14
N ARG E 297 -23.51 -7.08 -3.94
CA ARG E 297 -22.66 -7.62 -2.88
C ARG E 297 -23.35 -8.79 -2.17
N ALA E 298 -22.82 -9.19 -1.02
CA ALA E 298 -23.38 -10.32 -0.27
C ALA E 298 -24.27 -9.92 0.91
N VAL E 299 -25.37 -10.65 1.07
CA VAL E 299 -26.34 -10.41 2.13
C VAL E 299 -26.51 -11.64 3.02
N ASP E 300 -25.49 -12.49 3.05
CA ASP E 300 -25.52 -13.71 3.87
C ASP E 300 -24.29 -14.58 3.59
N GLY E 301 -23.89 -15.37 4.58
CA GLY E 301 -22.75 -16.26 4.43
C GLY E 301 -21.43 -15.70 4.91
N ILE E 302 -20.36 -16.48 4.75
CA ILE E 302 -19.02 -16.04 5.16
C ILE E 302 -18.83 -14.66 4.57
N ALA E 303 -19.23 -14.54 3.31
CA ALA E 303 -19.13 -13.29 2.59
C ALA E 303 -19.72 -12.18 3.43
N TYR E 304 -20.99 -12.32 3.77
CA TYR E 304 -21.67 -11.31 4.56
C TYR E 304 -20.93 -10.89 5.82
N TYR E 305 -20.63 -11.87 6.67
CA TYR E 305 -19.93 -11.60 7.91
C TYR E 305 -18.56 -11.01 7.70
N LEU E 306 -18.05 -11.10 6.48
CA LEU E 306 -16.73 -10.56 6.18
C LEU E 306 -16.75 -9.47 5.12
N SER E 307 -17.66 -8.52 5.27
CA SER E 307 -17.77 -7.40 4.34
C SER E 307 -17.68 -6.09 5.12
N THR E 308 -16.67 -5.28 4.82
CA THR E 308 -16.49 -4.03 5.54
C THR E 308 -17.67 -3.07 5.34
N PRO E 309 -18.26 -2.61 6.45
CA PRO E 309 -19.39 -1.69 6.60
C PRO E 309 -19.31 -0.23 6.08
N TYR E 310 -18.11 0.31 5.88
CA TYR E 310 -17.98 1.70 5.44
C TYR E 310 -18.65 2.11 4.14
N GLY E 311 -18.34 3.34 3.72
CA GLY E 311 -18.89 3.92 2.50
C GLY E 311 -19.27 5.38 2.70
N LEU E 312 -20.30 5.60 3.53
CA LEU E 312 -20.81 6.94 3.85
C LEU E 312 -20.95 7.09 5.38
N SER E 313 -21.88 6.33 5.96
CA SER E 313 -22.17 6.34 7.41
C SER E 313 -22.06 4.94 8.08
N SER E 314 -21.69 4.92 9.36
CA SER E 314 -21.55 3.68 10.11
C SER E 314 -22.89 2.98 10.32
N VAL E 315 -22.89 1.65 10.18
CA VAL E 315 -24.10 0.86 10.34
C VAL E 315 -24.20 0.21 11.72
N ILE E 316 -25.15 0.69 12.52
CA ILE E 316 -25.38 0.17 13.86
C ILE E 316 -26.35 -0.99 13.78
N SER E 317 -27.30 -0.88 12.84
CA SER E 317 -28.34 -1.87 12.63
C SER E 317 -27.87 -3.31 12.39
N ASP E 318 -26.79 -3.73 13.04
CA ASP E 318 -26.26 -5.09 12.92
C ASP E 318 -25.05 -5.37 13.83
N PRO E 319 -25.11 -4.89 15.09
CA PRO E 319 -24.02 -5.08 16.05
C PRO E 319 -23.17 -6.31 15.78
N ILE E 320 -23.76 -7.49 15.94
CA ILE E 320 -23.05 -8.74 15.73
C ILE E 320 -22.15 -8.69 14.48
N HIS E 321 -22.68 -8.20 13.38
CA HIS E 321 -21.94 -8.09 12.12
C HIS E 321 -20.63 -7.36 12.38
N ALA E 322 -20.72 -6.25 13.10
CA ALA E 322 -19.56 -5.47 13.44
C ALA E 322 -18.56 -6.35 14.19
N ILE E 323 -18.97 -6.78 15.38
CA ILE E 323 -18.12 -7.62 16.20
C ILE E 323 -17.32 -8.64 15.40
N VAL E 324 -18.00 -9.54 14.72
CA VAL E 324 -17.32 -10.55 13.93
C VAL E 324 -16.25 -9.95 13.05
N TYR E 325 -16.66 -9.10 12.11
CA TYR E 325 -15.71 -8.48 11.19
C TYR E 325 -14.43 -8.10 11.92
N MET E 326 -14.59 -7.18 12.88
CA MET E 326 -13.49 -6.67 13.68
C MET E 326 -12.53 -7.78 14.10
N ILE E 327 -13.08 -8.75 14.82
CA ILE E 327 -12.33 -9.88 15.33
C ILE E 327 -11.76 -10.67 14.18
N ALA E 328 -12.57 -10.83 13.15
CA ALA E 328 -12.15 -11.55 11.96
C ALA E 328 -10.91 -10.85 11.38
N MET E 329 -11.00 -9.54 11.18
CA MET E 329 -9.87 -8.79 10.63
C MET E 329 -8.69 -8.93 11.59
N ILE E 330 -8.89 -8.46 12.80
CA ILE E 330 -7.87 -8.53 13.81
C ILE E 330 -6.99 -9.75 13.64
N ILE E 331 -7.58 -10.93 13.82
CA ILE E 331 -6.84 -12.18 13.70
C ILE E 331 -6.13 -12.33 12.36
N THR E 332 -6.81 -11.97 11.27
CA THR E 332 -6.20 -12.11 9.95
C THR E 332 -4.93 -11.30 9.89
N CYS E 333 -4.93 -10.20 10.65
CA CYS E 333 -3.78 -9.30 10.69
C CYS E 333 -2.65 -9.98 11.45
N VAL E 334 -2.93 -10.48 12.64
CA VAL E 334 -1.93 -11.21 13.41
C VAL E 334 -1.26 -12.23 12.51
N MET E 335 -2.07 -12.98 11.78
CA MET E 335 -1.59 -14.00 10.85
C MET E 335 -0.51 -13.45 9.93
N PHE E 336 -0.91 -12.79 8.86
CA PHE E 336 0.02 -12.24 7.89
C PHE E 336 1.20 -11.55 8.57
N GLY E 337 0.98 -11.01 9.76
CA GLY E 337 2.04 -10.39 10.53
C GLY E 337 3.09 -11.42 10.92
N ILE E 338 2.62 -12.52 11.49
CA ILE E 338 3.51 -13.62 11.87
C ILE E 338 4.18 -14.16 10.62
N PHE E 339 3.38 -14.34 9.57
CA PHE E 339 3.88 -14.84 8.29
C PHE E 339 4.89 -13.86 7.70
N TRP E 340 4.95 -12.66 8.26
CA TRP E 340 5.91 -11.65 7.83
C TRP E 340 7.21 -11.83 8.61
N VAL E 341 7.11 -12.48 9.76
CA VAL E 341 8.28 -12.81 10.57
C VAL E 341 9.03 -13.96 9.93
N GLU E 342 8.42 -15.14 9.92
CA GLU E 342 9.01 -16.29 9.24
C GLU E 342 9.71 -15.84 7.98
N THR E 343 9.26 -14.72 7.43
CA THR E 343 9.83 -14.17 6.20
C THR E 343 10.87 -13.10 6.52
N THR E 344 10.39 -11.89 6.83
CA THR E 344 11.28 -10.78 7.14
C THR E 344 10.49 -9.58 7.68
N GLY E 345 11.15 -8.76 8.48
CA GLY E 345 10.51 -7.58 9.05
C GLY E 345 11.48 -6.70 9.81
N LEU E 346 10.99 -5.53 10.22
CA LEU E 346 11.80 -4.59 10.99
C LEU E 346 12.70 -5.36 11.96
N ASP E 347 13.94 -5.61 11.57
CA ASP E 347 14.80 -6.46 12.37
C ASP E 347 15.95 -5.79 13.11
N PRO E 348 16.16 -6.21 14.35
CA PRO E 348 17.30 -5.72 15.13
C PRO E 348 18.57 -6.10 14.39
N LYS E 349 18.66 -7.37 14.01
CA LYS E 349 19.76 -7.85 13.19
C LYS E 349 19.75 -7.03 11.91
N SER E 350 20.64 -6.05 11.85
CA SER E 350 20.64 -5.05 10.79
C SER E 350 20.82 -3.71 11.48
N MET E 351 20.02 -3.49 12.52
CA MET E 351 20.15 -2.29 13.35
C MET E 351 21.40 -2.42 14.22
N ALA E 352 21.81 -3.66 14.47
CA ALA E 352 23.04 -3.92 15.22
C ALA E 352 24.14 -3.12 14.56
N LYS E 353 24.57 -3.57 13.38
CA LYS E 353 25.51 -2.82 12.56
C LYS E 353 24.87 -1.49 12.15
N ARG E 354 25.43 -0.39 12.64
CA ARG E 354 24.92 0.94 12.35
C ARG E 354 24.54 1.69 13.64
N ILE E 355 24.43 0.93 14.73
CA ILE E 355 24.08 1.48 16.04
C ILE E 355 25.28 1.03 16.86
N LYS E 356 26.39 0.79 16.17
CA LYS E 356 27.62 0.36 16.83
C LYS E 356 28.84 1.04 16.21
N LYS E 357 28.60 2.12 15.45
CA LYS E 357 29.68 2.85 14.81
C LYS E 357 29.54 4.35 15.04
N SER E 358 28.31 4.85 14.96
CA SER E 358 28.04 6.27 15.17
C SER E 358 28.96 6.85 16.23
N GLY E 359 30.10 7.40 15.79
CA GLY E 359 31.06 7.99 16.70
C GLY E 359 32.47 7.96 16.14
N ALA E 360 33.11 6.80 16.24
CA ALA E 360 34.46 6.63 15.75
C ALA E 360 35.05 5.23 15.91
N PHE E 361 35.57 4.94 17.11
CA PHE E 361 36.41 3.78 17.33
C PHE E 361 37.78 4.24 16.82
N VAL E 362 38.33 3.55 15.84
CA VAL E 362 39.52 4.03 15.16
C VAL E 362 40.78 3.97 16.00
N PRO E 363 41.80 4.71 15.57
CA PRO E 363 43.06 4.80 16.31
C PRO E 363 43.22 6.19 16.91
N GLY E 364 42.99 7.21 16.09
CA GLY E 364 43.18 8.59 16.50
C GLY E 364 42.24 9.09 17.58
N ILE E 365 42.74 9.13 18.81
CA ILE E 365 41.94 9.60 19.95
C ILE E 365 41.40 8.42 20.76
N ARG E 366 40.51 8.72 21.70
CA ARG E 366 39.91 7.70 22.55
C ARG E 366 38.39 7.80 22.55
N PRO E 367 37.85 8.50 21.57
CA PRO E 367 36.39 8.67 21.45
C PRO E 367 35.64 7.43 21.89
N GLY E 368 34.77 7.57 22.88
CA GLY E 368 34.00 6.45 23.39
C GLY E 368 32.93 6.01 22.42
N GLU E 369 32.18 4.97 22.81
CA GLU E 369 31.11 4.44 21.97
C GLU E 369 30.96 2.94 22.16
N GLN E 370 31.56 2.41 23.23
CA GLN E 370 31.49 0.98 23.51
C GLN E 370 30.14 0.39 23.11
N THR E 371 29.10 1.22 23.19
CA THR E 371 27.76 0.78 22.83
C THR E 371 27.34 -0.45 23.64
N ALA E 372 27.07 -1.56 22.94
CA ALA E 372 27.16 -1.58 21.49
C ALA E 372 28.25 -2.54 21.03
N LYS E 373 27.86 -3.55 20.25
CA LYS E 373 28.81 -4.53 19.74
C LYS E 373 28.51 -5.89 20.37
N TYR E 374 27.47 -5.92 21.21
CA TYR E 374 27.05 -7.14 21.88
C TYR E 374 25.78 -6.89 22.69
N ILE E 375 25.25 -5.68 22.59
CA ILE E 375 24.03 -5.32 23.30
C ILE E 375 22.88 -5.06 22.33
N GLU E 376 22.43 -6.11 21.66
CA GLU E 376 21.34 -5.99 20.70
C GLU E 376 20.01 -6.43 21.31
N HIS E 377 20.05 -7.51 22.09
CA HIS E 377 18.86 -8.03 22.73
C HIS E 377 17.96 -6.91 23.25
N ARG E 378 18.58 -5.75 23.49
CA ARG E 378 17.84 -4.59 23.99
C ARG E 378 16.84 -4.09 22.97
N LEU E 379 17.03 -4.49 21.71
CA LEU E 379 16.14 -4.09 20.62
C LEU E 379 15.04 -5.12 20.38
N LYS E 380 15.44 -6.30 19.91
CA LYS E 380 14.47 -7.36 19.64
C LYS E 380 13.42 -7.40 20.74
N ARG E 381 13.83 -7.01 21.94
CA ARG E 381 12.92 -6.96 23.09
C ARG E 381 12.01 -5.74 22.96
N TYR E 382 12.58 -4.56 23.19
CA TYR E 382 11.82 -3.31 23.03
C TYR E 382 11.14 -3.28 21.67
N ILE E 383 11.61 -4.14 20.76
CA ILE E 383 11.17 -4.11 19.37
C ILE E 383 9.82 -4.76 19.10
N PRO E 384 9.75 -6.08 19.22
CA PRO E 384 8.53 -6.83 18.92
C PRO E 384 7.34 -5.92 18.64
N PRO E 385 6.77 -5.33 19.69
CA PRO E 385 5.60 -4.48 19.55
C PRO E 385 5.74 -3.41 18.47
N LEU E 386 6.62 -2.43 18.69
CA LEU E 386 6.79 -1.33 17.75
C LEU E 386 5.92 -1.44 16.51
N THR E 387 6.38 -2.22 15.53
CA THR E 387 5.62 -2.43 14.31
C THR E 387 4.16 -2.67 14.70
N VAL E 388 3.87 -3.92 15.07
CA VAL E 388 2.55 -4.32 15.51
C VAL E 388 1.67 -3.09 15.74
N MET E 389 0.75 -3.18 16.70
CA MET E 389 0.60 -4.38 17.51
C MET E 389 -0.84 -4.55 18.01
N SER E 390 -1.74 -4.87 17.09
CA SER E 390 -1.40 -5.05 15.68
C SER E 390 -2.62 -5.54 14.92
N SER E 391 -2.63 -6.83 14.59
CA SER E 391 -3.78 -7.42 13.92
C SER E 391 -5.02 -6.75 14.49
N ALA E 392 -4.91 -6.34 15.76
CA ALA E 392 -5.97 -5.62 16.45
C ALA E 392 -5.57 -4.15 16.55
N PHE E 393 -4.28 -3.91 16.72
CA PHE E 393 -3.74 -2.56 16.79
C PHE E 393 -3.88 -1.92 15.42
N VAL E 394 -3.04 -2.33 14.47
CA VAL E 394 -3.12 -1.83 13.11
C VAL E 394 -4.43 -2.27 12.45
N GLY E 395 -4.74 -3.56 12.58
CA GLY E 395 -5.97 -4.09 12.02
C GLY E 395 -7.20 -3.46 12.63
N PHE E 396 -7.10 -3.13 13.92
CA PHE E 396 -8.19 -2.49 14.64
C PHE E 396 -8.41 -1.07 14.14
N LEU E 397 -7.37 -0.25 14.25
CA LEU E 397 -7.45 1.14 13.78
C LEU E 397 -8.04 1.20 12.39
N ALA E 398 -7.62 0.27 11.53
CA ALA E 398 -8.12 0.20 10.17
C ALA E 398 -9.60 -0.13 10.22
N THR E 399 -9.96 -1.26 10.80
CA THR E 399 -11.36 -1.63 10.88
C THR E 399 -12.26 -0.52 11.45
N ILE E 400 -11.95 -0.08 12.66
CA ILE E 400 -12.75 0.96 13.27
C ILE E 400 -12.74 2.19 12.36
N ALA E 401 -11.65 2.36 11.61
CA ALA E 401 -11.55 3.49 10.71
C ALA E 401 -12.63 3.36 9.64
N ASN E 402 -13.10 2.15 9.45
CA ASN E 402 -14.13 1.90 8.46
C ASN E 402 -15.52 2.07 9.04
N PHE E 403 -15.74 1.64 10.28
CA PHE E 403 -17.06 1.82 10.87
C PHE E 403 -17.35 3.29 10.68
N ILE E 404 -16.46 4.12 11.20
CA ILE E 404 -16.61 5.55 11.07
C ILE E 404 -16.88 5.86 9.60
N GLY E 405 -16.14 5.19 8.72
CA GLY E 405 -16.36 5.38 7.29
C GLY E 405 -15.91 6.73 6.74
N ALA E 406 -15.20 6.68 5.62
CA ALA E 406 -14.70 7.90 5.03
C ALA E 406 -14.41 7.79 3.55
N LEU E 407 -14.25 8.95 2.93
CA LEU E 407 -14.01 9.06 1.52
C LEU E 407 -12.66 8.45 1.15
N GLY E 408 -12.63 7.67 0.08
CA GLY E 408 -11.38 7.05 -0.33
C GLY E 408 -11.17 5.72 0.35
N GLY E 409 -11.76 5.57 1.54
CA GLY E 409 -11.65 4.32 2.29
C GLY E 409 -10.91 4.46 3.60
N GLY E 410 -11.65 4.42 4.70
CA GLY E 410 -11.05 4.55 6.02
C GLY E 410 -9.69 3.91 6.03
N THR E 411 -9.69 2.62 5.77
CA THR E 411 -8.45 1.86 5.72
C THR E 411 -7.51 2.45 4.67
N GLY E 412 -8.03 2.65 3.45
CA GLY E 412 -7.24 3.20 2.37
C GLY E 412 -6.52 4.46 2.81
N VAL E 413 -7.26 5.36 3.43
CA VAL E 413 -6.67 6.61 3.90
C VAL E 413 -5.49 6.22 4.75
N LEU E 414 -5.71 5.29 5.68
CA LEU E 414 -4.64 4.83 6.54
C LEU E 414 -3.41 4.54 5.70
N LEU E 415 -3.36 3.35 5.12
CA LEU E 415 -2.22 2.99 4.29
C LEU E 415 -1.63 4.24 3.64
N THR E 416 -2.48 4.97 2.90
CA THR E 416 -2.05 6.17 2.20
C THR E 416 -1.22 7.08 3.07
N VAL E 417 -1.84 7.58 4.13
CA VAL E 417 -1.15 8.47 5.04
C VAL E 417 0.21 7.93 5.38
N SER E 418 0.28 6.62 5.67
CA SER E 418 1.55 5.97 6.02
C SER E 418 2.47 5.99 4.82
N ILE E 419 2.01 5.39 3.74
CA ILE E 419 2.77 5.33 2.50
C ILE E 419 3.27 6.70 2.09
N VAL E 420 2.44 7.71 2.28
CA VAL E 420 2.82 9.04 1.92
C VAL E 420 3.96 9.52 2.80
N TYR E 421 3.91 9.22 4.10
CA TYR E 421 4.98 9.65 4.98
C TYR E 421 6.25 8.86 4.76
N ARG E 422 6.12 7.54 4.56
CA ARG E 422 7.30 6.72 4.32
C ARG E 422 7.87 7.21 3.00
N MET E 423 7.03 7.91 2.23
CA MET E 423 7.42 8.43 0.93
C MET E 423 8.11 9.79 1.06
N TYR E 424 7.84 10.47 2.17
CA TYR E 424 8.45 11.76 2.43
C TYR E 424 9.86 11.45 2.88
N GLU E 425 9.96 10.47 3.77
CA GLU E 425 11.24 10.05 4.28
C GLU E 425 12.13 9.68 3.11
N GLN E 426 11.59 8.87 2.22
CA GLN E 426 12.34 8.46 1.05
C GLN E 426 12.91 9.70 0.35
N LEU E 427 12.08 10.72 0.16
CA LEU E 427 12.53 11.93 -0.49
C LEU E 427 13.65 12.68 0.24
N LEU E 428 13.79 12.42 1.54
CA LEU E 428 14.85 13.06 2.31
C LEU E 428 16.13 12.23 2.27
N ARG E 429 16.02 10.96 2.65
CA ARG E 429 17.18 10.09 2.62
C ARG E 429 17.85 10.28 1.26
N GLU E 430 17.08 10.74 0.29
CA GLU E 430 17.60 10.97 -1.05
C GLU E 430 18.22 12.35 -1.16
N LYS E 431 17.47 13.37 -0.79
CA LYS E 431 17.99 14.74 -0.84
C LYS E 431 19.37 14.84 -0.21
N VAL E 432 19.67 13.89 0.68
CA VAL E 432 20.95 13.86 1.37
C VAL E 432 21.96 12.98 0.67
N SER E 433 21.55 11.75 0.35
CA SER E 433 22.45 10.83 -0.34
C SER E 433 22.99 11.49 -1.61
N GLU E 434 22.35 12.58 -2.01
CA GLU E 434 22.74 13.33 -3.21
C GLU E 434 23.91 14.27 -2.89
N LEU E 435 24.59 14.00 -1.78
CA LEU E 435 25.73 14.82 -1.38
C LEU E 435 26.97 13.98 -1.15
N HIS E 436 26.95 13.14 -0.11
CA HIS E 436 28.08 12.27 0.21
C HIS E 436 27.89 10.93 -0.52
N PRO E 437 28.45 10.79 -1.73
CA PRO E 437 28.34 9.56 -2.52
C PRO E 437 29.01 8.34 -1.88
N ALA E 438 28.43 7.82 -0.79
CA ALA E 438 29.00 6.66 -0.11
C ALA E 438 28.10 6.08 0.97
N ILE E 439 27.80 6.90 1.97
CA ILE E 439 26.95 6.47 3.10
C ILE E 439 25.55 6.06 2.67
N ALA E 440 25.49 5.10 1.75
CA ALA E 440 24.23 4.58 1.24
C ALA E 440 23.76 3.39 2.06
N LYS E 441 24.13 3.36 3.34
CA LYS E 441 23.74 2.27 4.23
C LYS E 441 23.56 2.70 5.69
N LEU E 442 23.86 3.97 5.98
CA LEU E 442 23.75 4.46 7.36
C LEU E 442 22.35 5.01 7.66
N THR F 1 1.13 -22.84 26.39
CA THR F 1 0.49 -22.05 27.43
C THR F 1 1.33 -20.82 27.77
N LYS F 2 2.45 -21.04 28.46
CA LYS F 2 3.34 -19.96 28.84
C LYS F 2 3.45 -18.91 27.74
N GLY F 3 3.54 -19.38 26.50
CA GLY F 3 3.64 -18.49 25.36
C GLY F 3 2.64 -17.35 25.42
N LYS F 4 1.39 -17.69 25.75
CA LYS F 4 0.34 -16.69 25.85
C LYS F 4 0.63 -15.70 26.97
N ALA F 5 1.13 -16.21 28.09
CA ALA F 5 1.46 -15.38 29.23
C ALA F 5 2.50 -14.33 28.87
N THR F 6 3.61 -14.78 28.30
CA THR F 6 4.68 -13.88 27.90
C THR F 6 4.17 -12.82 26.92
N VAL F 7 3.43 -13.27 25.92
CA VAL F 7 2.86 -12.36 24.92
C VAL F 7 1.99 -11.29 25.59
N ALA F 8 1.18 -11.71 26.56
CA ALA F 8 0.32 -10.79 27.28
C ALA F 8 1.14 -9.82 28.12
N PHE F 9 2.23 -10.32 28.69
CA PHE F 9 3.12 -9.50 29.50
C PHE F 9 3.81 -8.44 28.67
N ALA F 10 4.43 -8.86 27.58
CA ALA F 10 5.13 -7.94 26.68
C ALA F 10 4.25 -6.73 26.37
N ARG F 11 2.99 -6.99 26.05
CA ARG F 11 2.04 -5.92 25.75
C ARG F 11 1.93 -4.95 26.91
N GLU F 12 1.89 -5.49 28.13
CA GLU F 12 1.80 -4.67 29.34
C GLU F 12 3.08 -3.86 29.53
N ALA F 13 4.21 -4.55 29.51
CA ALA F 13 5.51 -3.90 29.67
C ALA F 13 5.64 -2.73 28.71
N ARG F 14 5.15 -2.91 27.49
CA ARG F 14 5.20 -1.87 26.48
C ARG F 14 4.33 -0.68 26.87
N THR F 15 3.10 -0.98 27.30
CA THR F 15 2.18 0.07 27.73
C THR F 15 2.81 0.94 28.81
N GLU F 16 3.69 0.35 29.60
CA GLU F 16 4.38 1.09 30.65
C GLU F 16 5.34 2.12 30.07
N VAL F 17 6.11 1.69 29.07
CA VAL F 17 7.06 2.58 28.41
C VAL F 17 6.35 3.79 27.84
N ARG F 18 5.25 3.56 27.13
CA ARG F 18 4.47 4.64 26.54
C ARG F 18 4.20 5.74 27.58
N LYS F 19 4.12 5.34 28.84
CA LYS F 19 3.88 6.28 29.93
C LYS F 19 5.09 7.18 30.16
N VAL F 20 6.27 6.58 30.15
CA VAL F 20 7.51 7.31 30.34
C VAL F 20 7.83 8.20 29.14
N ILE F 21 7.56 7.69 27.95
CA ILE F 21 7.81 8.43 26.72
C ILE F 21 6.63 9.35 26.38
N TRP F 22 6.72 10.60 26.83
CA TRP F 22 5.67 11.58 26.58
C TRP F 22 6.12 12.99 26.93
N PRO F 23 6.41 13.22 28.20
CA PRO F 23 6.86 14.53 28.67
C PRO F 23 7.11 15.49 27.50
N THR F 24 8.34 15.54 27.02
CA THR F 24 8.70 16.42 25.92
C THR F 24 7.60 17.43 25.63
N ARG F 25 6.76 17.13 24.64
CA ARG F 25 5.66 18.01 24.28
C ARG F 25 4.42 17.21 23.91
N LYS F 26 4.41 15.94 24.30
CA LYS F 26 3.27 15.06 24.03
C LYS F 26 2.72 15.27 22.62
N PRO F 27 3.61 15.26 21.63
CA PRO F 27 5.04 15.06 21.89
C PRO F 27 5.81 16.37 21.80
N THR F 28 5.32 17.30 20.99
CA THR F 28 5.97 18.59 20.83
C THR F 28 5.09 19.56 20.03
N LYS F 29 4.99 20.79 20.50
CA LYS F 29 4.18 21.80 19.83
C LYS F 29 4.69 22.08 18.42
N ASP F 30 5.06 21.01 17.71
CA ASP F 30 5.57 21.15 16.35
C ASP F 30 5.71 19.78 15.69
N GLU F 31 6.01 18.76 16.50
CA GLU F 31 6.18 17.41 15.99
C GLU F 31 4.90 16.89 15.35
N TYR F 32 4.03 16.32 16.16
CA TYR F 32 2.75 15.79 15.68
C TYR F 32 2.27 16.56 14.45
N LEU F 33 1.91 17.81 14.64
CA LEU F 33 1.43 18.66 13.56
C LEU F 33 2.25 18.42 12.28
N ALA F 34 3.54 18.21 12.45
CA ALA F 34 4.43 17.96 11.32
C ALA F 34 3.92 16.80 10.46
N VAL F 35 3.87 15.62 11.05
CA VAL F 35 3.42 14.43 10.35
C VAL F 35 2.15 14.72 9.53
N ALA F 36 1.15 15.29 10.20
CA ALA F 36 -0.10 15.62 9.54
C ALA F 36 0.14 16.56 8.35
N LYS F 37 1.09 17.49 8.53
CA LYS F 37 1.43 18.45 7.48
C LYS F 37 2.03 17.73 6.27
N VAL F 38 3.16 17.07 6.48
CA VAL F 38 3.84 16.34 5.41
C VAL F 38 2.90 15.30 4.81
N THR F 39 2.18 14.59 5.66
CA THR F 39 1.24 13.57 5.22
C THR F 39 0.15 14.18 4.34
N ALA F 40 -0.50 15.22 4.86
CA ALA F 40 -1.56 15.91 4.11
C ALA F 40 -1.00 16.55 2.85
N LEU F 41 0.19 17.12 2.96
CA LEU F 41 0.83 17.76 1.81
C LEU F 41 1.07 16.75 0.70
N GLY F 42 1.53 15.56 1.07
CA GLY F 42 1.80 14.51 0.11
C GLY F 42 0.52 14.03 -0.56
N ILE F 43 -0.50 13.77 0.25
CA ILE F 43 -1.78 13.31 -0.28
C ILE F 43 -2.41 14.35 -1.19
N SER F 44 -2.16 15.63 -0.89
CA SER F 44 -2.68 16.72 -1.70
C SER F 44 -2.08 16.69 -3.10
N LEU F 45 -0.76 16.51 -3.18
CA LEU F 45 -0.08 16.45 -4.46
C LEU F 45 -0.59 15.29 -5.29
N LEU F 46 -0.56 14.09 -4.72
CA LEU F 46 -1.04 12.90 -5.40
C LEU F 46 -2.51 13.05 -5.78
N GLY F 47 -3.30 13.59 -4.86
CA GLY F 47 -4.72 13.80 -5.10
C GLY F 47 -4.95 14.86 -6.16
N ILE F 48 -4.20 15.95 -6.08
CA ILE F 48 -4.32 17.04 -7.05
C ILE F 48 -3.98 16.54 -8.45
N ILE F 49 -2.84 15.88 -8.58
CA ILE F 49 -2.42 15.33 -9.86
C ILE F 49 -3.51 14.46 -10.47
N GLY F 50 -4.15 13.65 -9.63
CA GLY F 50 -5.21 12.78 -10.08
C GLY F 50 -6.40 13.57 -10.61
N TYR F 51 -6.68 14.70 -9.94
CA TYR F 51 -7.82 15.54 -10.28
C TYR F 51 -7.68 16.15 -11.67
N ILE F 52 -6.53 16.77 -11.92
CA ILE F 52 -6.22 17.34 -13.23
C ILE F 52 -6.61 16.24 -14.27
N ILE F 53 -5.64 15.44 -14.67
CA ILE F 53 -5.87 14.28 -15.52
C ILE F 53 -7.38 13.92 -15.51
N HIS F 54 -7.73 13.15 -14.48
CA HIS F 54 -9.07 12.64 -14.24
C HIS F 54 -10.26 13.45 -14.76
N VAL F 55 -10.53 14.56 -14.08
CA VAL F 55 -11.72 15.32 -14.34
C VAL F 55 -11.78 15.88 -15.74
N PRO F 56 -10.63 16.38 -16.26
CA PRO F 56 -10.76 16.86 -17.63
C PRO F 56 -11.18 15.76 -18.59
N ALA F 57 -10.51 14.63 -18.44
CA ALA F 57 -10.89 13.55 -19.34
C ALA F 57 -12.37 13.17 -19.20
N THR F 58 -12.89 13.16 -17.97
CA THR F 58 -14.32 12.87 -17.80
C THR F 58 -15.21 13.86 -18.53
N TYR F 59 -14.95 15.17 -18.39
CA TYR F 59 -15.74 16.16 -19.13
C TYR F 59 -15.80 15.69 -20.59
N ILE F 60 -14.63 15.51 -21.22
CA ILE F 60 -14.70 15.10 -22.64
C ILE F 60 -15.51 13.84 -22.94
N LYS F 61 -15.25 12.78 -22.17
CA LYS F 61 -15.98 11.53 -22.34
C LYS F 61 -17.48 11.76 -22.33
N GLY F 62 -17.99 12.50 -21.34
CA GLY F 62 -19.41 12.78 -21.27
C GLY F 62 -19.90 13.57 -22.48
N ILE F 63 -19.19 14.64 -22.79
CA ILE F 63 -19.52 15.51 -23.91
C ILE F 63 -19.36 14.85 -25.28
N LEU F 64 -18.91 13.60 -25.30
CA LEU F 64 -18.76 12.89 -26.57
C LEU F 64 -19.33 11.49 -26.51
N LYS F 65 -20.03 11.20 -25.43
CA LYS F 65 -20.58 9.86 -25.19
C LYS F 65 -21.83 9.62 -26.01
N GLU G 1 19.58 -11.35 -6.74
CA GLU G 1 19.04 -10.63 -7.90
C GLU G 1 17.96 -11.45 -8.62
N THR G 2 17.90 -11.32 -9.95
CA THR G 2 16.88 -12.04 -10.71
C THR G 2 17.43 -13.07 -11.70
N PHE G 3 16.70 -14.18 -11.83
CA PHE G 3 17.08 -15.25 -12.74
C PHE G 3 16.44 -15.00 -14.10
N SER G 4 16.01 -13.76 -14.34
CA SER G 4 15.39 -13.40 -15.61
C SER G 4 16.43 -13.33 -16.71
N LYS G 5 16.54 -14.43 -17.46
CA LYS G 5 17.50 -14.53 -18.54
C LYS G 5 17.37 -13.39 -19.54
N ILE G 6 16.26 -12.67 -19.47
CA ILE G 6 16.02 -11.55 -20.36
C ILE G 6 16.07 -10.21 -19.65
N ARG G 7 16.60 -9.19 -20.33
CA ARG G 7 16.71 -7.84 -19.77
C ARG G 7 15.86 -6.86 -20.55
N VAL G 8 15.05 -6.10 -19.83
CA VAL G 8 14.16 -5.12 -20.45
C VAL G 8 14.40 -3.71 -19.91
N LYS G 9 14.72 -2.77 -20.80
CA LYS G 9 14.95 -1.40 -20.37
C LYS G 9 13.66 -0.62 -20.28
N PRO G 10 13.39 -0.06 -19.09
CA PRO G 10 12.20 0.73 -18.74
C PRO G 10 11.63 1.60 -19.85
N GLU G 11 12.50 2.24 -20.62
CA GLU G 11 12.04 3.08 -21.71
C GLU G 11 11.02 2.33 -22.55
N HIS G 12 11.22 1.02 -22.66
CA HIS G 12 10.31 0.17 -23.43
C HIS G 12 8.95 0.04 -22.75
N VAL G 13 8.92 -0.59 -21.57
CA VAL G 13 7.66 -0.76 -20.86
C VAL G 13 6.84 0.53 -20.89
N ILE G 14 7.51 1.67 -20.69
CA ILE G 14 6.82 2.95 -20.72
C ILE G 14 6.16 3.12 -22.10
N GLY G 15 6.98 3.04 -23.15
CA GLY G 15 6.47 3.17 -24.51
C GLY G 15 5.42 2.14 -24.87
N VAL G 16 5.58 0.93 -24.34
CA VAL G 16 4.65 -0.18 -24.57
C VAL G 16 3.31 0.16 -23.92
N THR G 17 3.39 0.93 -22.85
CA THR G 17 2.22 1.36 -22.13
C THR G 17 1.55 2.47 -22.93
N VAL G 18 2.35 3.39 -23.47
CA VAL G 18 1.79 4.48 -24.28
C VAL G 18 1.04 3.80 -25.41
N ALA G 19 1.41 2.54 -25.66
CA ALA G 19 0.79 1.74 -26.69
C ALA G 19 -0.62 1.38 -26.24
N PHE G 20 -0.74 0.61 -25.16
CA PHE G 20 -2.06 0.24 -24.66
C PHE G 20 -3.00 1.43 -24.68
N VAL G 21 -2.53 2.56 -24.15
CA VAL G 21 -3.35 3.76 -24.14
C VAL G 21 -3.87 4.09 -25.54
N ILE G 22 -2.98 4.50 -26.43
CA ILE G 22 -3.40 4.84 -27.79
C ILE G 22 -4.36 3.84 -28.41
N ILE G 23 -4.00 2.55 -28.38
CA ILE G 23 -4.84 1.52 -28.96
C ILE G 23 -6.28 1.60 -28.46
N GLU G 24 -6.49 1.28 -27.18
CA GLU G 24 -7.84 1.31 -26.61
C GLU G 24 -8.43 2.71 -26.51
N ALA G 25 -7.58 3.71 -26.31
CA ALA G 25 -8.05 5.08 -26.21
C ALA G 25 -8.76 5.47 -27.50
N ILE G 26 -8.42 4.79 -28.59
CA ILE G 26 -9.04 5.04 -29.89
C ILE G 26 -9.87 3.82 -30.29
N LEU G 27 -9.42 2.65 -29.87
CA LEU G 27 -10.13 1.40 -30.15
C LEU G 27 -11.54 1.48 -29.59
N THR G 28 -11.69 2.21 -28.49
CA THR G 28 -12.98 2.37 -27.85
C THR G 28 -13.63 3.67 -28.29
N TYR G 29 -13.10 4.79 -27.80
CA TYR G 29 -13.64 6.10 -28.12
C TYR G 29 -13.44 6.43 -29.59
N GLY G 30 -13.88 7.61 -30.00
CA GLY G 30 -13.76 8.01 -31.39
C GLY G 30 -14.54 7.09 -32.31
N ARG G 31 -15.52 6.40 -31.73
CA ARG G 31 -16.38 5.47 -32.45
C ARG G 31 -16.60 5.88 -33.89
N PHE G 32 -16.50 4.91 -34.80
CA PHE G 32 -16.67 5.11 -36.23
C PHE G 32 -15.42 5.79 -36.81
#